data_5JVR
#
_entry.id   5JVR
#
_cell.length_a   53.172
_cell.length_b   80.189
_cell.length_c   155.375
_cell.angle_alpha   90.00
_cell.angle_beta   90.00
_cell.angle_gamma   90.00
#
_symmetry.space_group_name_H-M   'P 21 21 21'
#
loop_
_entity.id
_entity.type
_entity.pdbx_description
1 polymer 'Chimera protein of mouse KIF3A,fruit fly Kinesin-1 and human EB1'
2 water water
#
_entity_poly.entity_id   1
_entity_poly.type   'polypeptide(L)'
_entity_poly.pdbx_seq_one_letter_code
;LSNEDPKDALAEEWKRRYEKEKEKVEDLEKERDFYFGKLRNIELICQENEGENDPVLQRIVDILYATDEGFVIPD
;
_entity_poly.pdbx_strand_id   A,B,C,D,E,F,G,H
#
# COMPACT_ATOMS: atom_id res chain seq x y z
N ALA A 9 -1.59 10.74 39.86
CA ALA A 9 -1.71 9.53 39.08
C ALA A 9 -2.91 9.53 38.16
N LEU A 10 -3.81 10.46 38.38
CA LEU A 10 -4.95 10.60 37.49
C LEU A 10 -4.50 11.35 36.21
N ALA A 11 -3.43 12.12 36.28
CA ALA A 11 -2.91 12.77 35.11
C ALA A 11 -2.42 11.66 34.22
N GLU A 12 -1.71 10.72 34.81
CA GLU A 12 -1.15 9.58 34.14
C GLU A 12 -2.19 8.75 33.39
N GLU A 13 -3.34 8.55 33.99
CA GLU A 13 -4.33 7.68 33.36
C GLU A 13 -5.01 8.39 32.18
N TRP A 14 -5.23 9.69 32.29
CA TRP A 14 -5.92 10.41 31.22
C TRP A 14 -4.98 10.77 30.07
N LYS A 15 -3.70 11.02 30.36
CA LYS A 15 -2.73 11.20 29.28
C LYS A 15 -2.59 9.92 28.47
N ARG A 16 -2.67 8.77 29.13
CA ARG A 16 -2.57 7.50 28.43
C ARG A 16 -3.79 7.27 27.54
N ARG A 17 -4.98 7.64 28.01
CA ARG A 17 -6.17 7.47 27.19
C ARG A 17 -6.21 8.47 26.05
N TYR A 18 -5.72 9.69 26.27
CA TYR A 18 -5.63 10.66 25.19
C TYR A 18 -4.71 10.17 24.09
N GLU A 19 -3.57 9.57 24.46
CA GLU A 19 -2.63 9.08 23.46
C GLU A 19 -3.15 7.84 22.75
N LYS A 20 -3.94 7.01 23.44
CA LYS A 20 -4.59 5.89 22.77
C LYS A 20 -5.60 6.37 21.74
N GLU A 21 -6.36 7.42 22.08
CA GLU A 21 -7.35 7.94 21.16
C GLU A 21 -6.70 8.68 20.00
N LYS A 22 -5.60 9.39 20.26
CA LYS A 22 -4.91 10.11 19.20
C LYS A 22 -4.31 9.16 18.17
N GLU A 23 -3.82 8.01 18.63
CA GLU A 23 -3.29 7.02 17.68
C GLU A 23 -4.40 6.42 16.83
N LYS A 24 -5.59 6.23 17.42
CA LYS A 24 -6.73 5.76 16.64
C LYS A 24 -7.16 6.81 15.61
N VAL A 25 -7.06 8.10 15.97
CA VAL A 25 -7.38 9.16 15.02
C VAL A 25 -6.39 9.15 13.85
N GLU A 26 -5.10 9.00 14.15
CA GLU A 26 -4.09 9.02 13.10
C GLU A 26 -4.23 7.83 12.16
N ASP A 27 -4.57 6.66 12.70
CA ASP A 27 -4.76 5.49 11.84
C ASP A 27 -6.01 5.64 10.97
N LEU A 28 -7.06 6.27 11.52
CA LEU A 28 -8.29 6.43 10.76
C LEU A 28 -8.12 7.43 9.62
N GLU A 29 -7.40 8.53 9.87
CA GLU A 29 -7.22 9.53 8.83
C GLU A 29 -6.25 9.05 7.75
N LYS A 30 -5.31 8.17 8.11
CA LYS A 30 -4.47 7.56 7.08
C LYS A 30 -5.28 6.63 6.18
N GLU A 31 -6.17 5.84 6.78
CA GLU A 31 -7.02 4.97 5.98
C GLU A 31 -8.04 5.77 5.17
N ARG A 32 -8.53 6.87 5.73
CA ARG A 32 -9.49 7.70 5.00
C ARG A 32 -8.84 8.38 3.81
N ASP A 33 -7.63 8.92 3.99
CA ASP A 33 -6.93 9.55 2.88
C ASP A 33 -6.55 8.54 1.81
N PHE A 34 -6.28 7.30 2.21
CA PHE A 34 -5.97 6.25 1.24
C PHE A 34 -7.15 5.98 0.32
N TYR A 35 -8.35 5.87 0.91
CA TYR A 35 -9.55 5.67 0.10
C TYR A 35 -9.89 6.92 -0.69
N PHE A 36 -9.78 8.09 -0.07
CA PHE A 36 -10.14 9.34 -0.74
C PHE A 36 -9.22 9.61 -1.92
N GLY A 37 -7.94 9.26 -1.79
CA GLY A 37 -7.01 9.44 -2.90
C GLY A 37 -7.39 8.63 -4.12
N LYS A 38 -7.83 7.38 -3.91
CA LYS A 38 -8.28 6.56 -5.02
C LYS A 38 -9.51 7.15 -5.68
N LEU A 39 -10.43 7.71 -4.88
CA LEU A 39 -11.63 8.32 -5.44
C LEU A 39 -11.29 9.52 -6.31
N ARG A 40 -10.32 10.33 -5.88
CA ARG A 40 -9.89 11.46 -6.70
C ARG A 40 -9.22 10.97 -7.98
N ASN A 41 -8.42 9.89 -7.88
CA ASN A 41 -7.79 9.33 -9.06
C ASN A 41 -8.84 8.85 -10.06
N ILE A 42 -9.90 8.20 -9.58
CA ILE A 42 -10.92 7.67 -10.47
C ILE A 42 -11.72 8.80 -11.11
N GLU A 43 -11.97 9.88 -10.37
CA GLU A 43 -12.69 11.01 -10.94
C GLU A 43 -11.89 11.65 -12.08
N LEU A 44 -10.57 11.70 -11.94
CA LEU A 44 -9.72 12.21 -13.02
C LEU A 44 -9.80 11.31 -14.25
N ILE A 45 -9.89 10.00 -14.05
CA ILE A 45 -10.02 9.07 -15.17
C ILE A 45 -11.34 9.30 -15.90
N CYS A 46 -12.41 9.54 -15.14
CA CYS A 46 -13.70 9.80 -15.76
C CYS A 46 -13.75 11.19 -16.41
N GLN A 47 -13.02 12.14 -15.85
CA GLN A 47 -12.99 13.50 -16.39
C GLN A 47 -12.22 13.57 -17.71
N ASN A 53 -20.04 10.96 -23.46
CA ASN A 53 -20.27 10.42 -22.12
C ASN A 53 -20.90 9.03 -22.17
N ASP A 54 -20.29 8.09 -21.45
CA ASP A 54 -20.61 6.66 -21.36
C ASP A 54 -21.50 6.40 -20.14
N PRO A 55 -22.51 5.54 -20.29
CA PRO A 55 -23.42 5.29 -19.16
C PRO A 55 -22.76 4.59 -18.00
N VAL A 56 -21.73 3.78 -18.23
CA VAL A 56 -21.05 3.11 -17.13
C VAL A 56 -20.20 4.11 -16.33
N LEU A 57 -19.47 4.98 -17.05
CA LEU A 57 -18.70 6.01 -16.36
C LEU A 57 -19.60 7.01 -15.65
N GLN A 58 -20.79 7.27 -16.20
CA GLN A 58 -21.72 8.17 -15.53
C GLN A 58 -22.21 7.57 -14.23
N ARG A 59 -22.44 6.25 -14.21
CA ARG A 59 -22.80 5.59 -12.96
C ARG A 59 -21.68 5.69 -11.93
N ILE A 60 -20.43 5.58 -12.39
CA ILE A 60 -19.30 5.71 -11.48
C ILE A 60 -19.22 7.13 -10.91
N VAL A 61 -19.49 8.13 -11.75
CA VAL A 61 -19.50 9.52 -11.28
C VAL A 61 -20.62 9.72 -10.27
N ASP A 62 -21.78 9.11 -10.52
CA ASP A 62 -22.88 9.20 -9.56
C ASP A 62 -22.52 8.57 -8.22
N ILE A 63 -21.72 7.50 -8.24
CA ILE A 63 -21.26 6.89 -7.00
C ILE A 63 -20.33 7.84 -6.26
N LEU A 64 -19.44 8.53 -6.98
CA LEU A 64 -18.50 9.44 -6.35
C LEU A 64 -19.22 10.56 -5.60
N TYR A 65 -20.33 11.04 -6.14
CA TYR A 65 -21.04 12.19 -5.57
C TYR A 65 -22.33 11.80 -4.86
N ALA A 66 -22.53 10.52 -4.56
CA ALA A 66 -23.66 10.12 -3.74
C ALA A 66 -23.55 10.75 -2.36
N THR A 67 -24.66 11.30 -1.87
CA THR A 67 -24.64 12.05 -0.63
C THR A 67 -24.71 11.18 0.62
N ASP A 68 -24.92 9.87 0.48
CA ASP A 68 -25.02 9.01 1.64
C ASP A 68 -24.44 7.64 1.32
N GLU A 69 -24.09 6.91 2.37
CA GLU A 69 -23.54 5.57 2.21
C GLU A 69 -24.60 4.62 1.68
N GLY A 70 -24.15 3.62 0.92
CA GLY A 70 -25.07 2.66 0.35
C GLY A 70 -25.59 1.67 1.38
N PHE A 71 -26.67 0.99 1.01
CA PHE A 71 -27.33 0.07 1.94
C PHE A 71 -28.00 -1.09 1.21
N VAL A 72 -28.14 -0.98 -0.11
CA VAL A 72 -28.91 -1.96 -0.87
C VAL A 72 -28.20 -3.30 -0.89
N ILE A 73 -28.95 -4.36 -0.66
CA ILE A 73 -28.43 -5.72 -0.74
C ILE A 73 -28.32 -6.12 -2.23
N PRO A 74 -27.17 -6.64 -2.68
CA PRO A 74 -26.96 -7.04 -4.08
C PRO A 74 -27.98 -8.07 -4.57
N LYS B 7 -1.46 22.42 39.58
CA LYS B 7 -1.22 21.00 39.37
C LYS B 7 -2.52 20.23 39.23
N ASP B 8 -3.55 20.69 39.93
CA ASP B 8 -4.84 19.99 39.94
C ASP B 8 -5.51 20.02 38.58
N ALA B 9 -5.37 21.11 37.83
CA ALA B 9 -5.97 21.19 36.50
C ALA B 9 -5.24 20.36 35.46
N LEU B 10 -4.13 19.70 35.82
CA LEU B 10 -3.38 18.93 34.83
C LEU B 10 -4.19 17.74 34.33
N ALA B 11 -4.79 16.98 35.26
CA ALA B 11 -5.60 15.83 34.86
C ALA B 11 -6.86 16.25 34.11
N GLU B 12 -7.41 17.43 34.43
CA GLU B 12 -8.59 17.91 33.71
C GLU B 12 -8.25 18.30 32.28
N GLU B 13 -7.02 18.77 32.04
CA GLU B 13 -6.64 19.14 30.68
C GLU B 13 -6.40 17.91 29.82
N TRP B 14 -5.71 16.90 30.34
CA TRP B 14 -5.55 15.66 29.61
C TRP B 14 -6.91 14.99 29.36
N LYS B 15 -7.83 15.13 30.31
CA LYS B 15 -9.17 14.58 30.12
C LYS B 15 -9.90 15.29 28.97
N ARG B 16 -9.75 16.62 28.90
CA ARG B 16 -10.43 17.37 27.84
C ARG B 16 -9.86 17.04 26.47
N ARG B 17 -8.53 16.89 26.38
CA ARG B 17 -7.92 16.53 25.10
C ARG B 17 -8.32 15.13 24.66
N TYR B 18 -8.55 14.22 25.62
CA TYR B 18 -9.04 12.89 25.28
C TYR B 18 -10.45 12.96 24.71
N GLU B 19 -11.29 13.84 25.25
CA GLU B 19 -12.65 13.98 24.74
C GLU B 19 -12.65 14.54 23.32
N LYS B 20 -11.72 15.44 23.01
CA LYS B 20 -11.65 16.00 21.66
C LYS B 20 -11.24 14.95 20.65
N GLU B 21 -10.29 14.08 21.01
CA GLU B 21 -9.86 13.03 20.10
C GLU B 21 -10.95 11.99 19.90
N LYS B 22 -11.72 11.69 20.94
CA LYS B 22 -12.81 10.74 20.81
C LYS B 22 -13.91 11.26 19.89
N GLU B 23 -14.11 12.58 19.87
CA GLU B 23 -15.06 13.16 18.93
C GLU B 23 -14.57 13.03 17.49
N LYS B 24 -13.26 13.12 17.27
CA LYS B 24 -12.72 12.97 15.92
C LYS B 24 -12.88 11.55 15.41
N VAL B 25 -12.86 10.56 16.30
CA VAL B 25 -12.94 9.16 15.89
C VAL B 25 -14.29 8.88 15.24
N GLU B 26 -15.38 9.31 15.88
CA GLU B 26 -16.71 9.01 15.37
C GLU B 26 -16.95 9.62 14.00
N ASP B 27 -16.36 10.79 13.74
CA ASP B 27 -16.52 11.41 12.43
C ASP B 27 -15.60 10.78 11.38
N LEU B 28 -14.40 10.37 11.79
CA LEU B 28 -13.48 9.73 10.84
C LEU B 28 -13.97 8.35 10.44
N GLU B 29 -14.61 7.62 11.36
CA GLU B 29 -15.12 6.29 11.01
C GLU B 29 -16.22 6.38 9.96
N LYS B 30 -17.12 7.35 10.09
CA LYS B 30 -18.18 7.51 9.10
C LYS B 30 -17.60 7.93 7.75
N GLU B 31 -16.64 8.85 7.75
CA GLU B 31 -16.00 9.24 6.51
C GLU B 31 -15.21 8.10 5.88
N ARG B 32 -14.59 7.26 6.72
CA ARG B 32 -13.87 6.10 6.22
C ARG B 32 -14.83 5.10 5.57
N ASP B 33 -15.93 4.78 6.26
CA ASP B 33 -16.92 3.88 5.69
C ASP B 33 -17.60 4.49 4.46
N PHE B 34 -17.76 5.81 4.46
CA PHE B 34 -18.36 6.49 3.31
C PHE B 34 -17.51 6.29 2.06
N TYR B 35 -16.20 6.53 2.17
CA TYR B 35 -15.33 6.41 1.00
C TYR B 35 -15.11 4.95 0.62
N PHE B 36 -14.96 4.07 1.61
CA PHE B 36 -14.77 2.66 1.30
C PHE B 36 -16.01 2.07 0.65
N GLY B 37 -17.20 2.53 1.06
CA GLY B 37 -18.42 2.06 0.41
C GLY B 37 -18.50 2.47 -1.04
N LYS B 38 -18.03 3.69 -1.37
CA LYS B 38 -17.99 4.12 -2.75
C LYS B 38 -17.07 3.23 -3.58
N LEU B 39 -15.90 2.87 -3.03
CA LEU B 39 -14.98 1.99 -3.74
C LEU B 39 -15.60 0.62 -3.98
N ARG B 40 -16.35 0.10 -3.02
CA ARG B 40 -17.03 -1.18 -3.20
C ARG B 40 -18.07 -1.09 -4.32
N ASN B 41 -18.77 0.04 -4.41
CA ASN B 41 -19.77 0.22 -5.47
C ASN B 41 -19.10 0.33 -6.84
N ILE B 42 -18.00 1.08 -6.93
CA ILE B 42 -17.28 1.18 -8.19
C ILE B 42 -16.72 -0.18 -8.59
N GLU B 43 -16.23 -0.95 -7.61
CA GLU B 43 -15.76 -2.29 -7.89
C GLU B 43 -16.88 -3.18 -8.44
N LEU B 44 -18.09 -3.04 -7.88
CA LEU B 44 -19.20 -3.85 -8.34
C LEU B 44 -19.60 -3.49 -9.77
N ILE B 45 -19.57 -2.21 -10.11
CA ILE B 45 -19.93 -1.78 -11.46
C ILE B 45 -18.91 -2.30 -12.47
N CYS B 46 -17.63 -2.30 -12.10
CA CYS B 46 -16.60 -2.81 -13.00
C CYS B 46 -16.75 -4.31 -13.19
N GLN B 47 -17.08 -5.05 -12.12
CA GLN B 47 -17.28 -6.49 -12.24
C GLN B 47 -18.47 -6.81 -13.13
N GLU B 48 -19.58 -6.09 -12.95
CA GLU B 48 -20.77 -6.35 -13.75
C GLU B 48 -20.59 -5.96 -15.21
N ASN B 49 -19.66 -5.05 -15.51
CA ASN B 49 -19.42 -4.60 -16.88
C ASN B 49 -18.16 -5.22 -17.48
N GLY B 51 -15.90 -7.46 -19.08
CA GLY B 51 -17.20 -7.75 -19.63
C GLY B 51 -17.25 -7.23 -21.05
N GLU B 52 -17.27 -5.91 -21.14
CA GLU B 52 -17.29 -5.23 -22.41
C GLU B 52 -15.91 -4.79 -22.89
N ASN B 53 -14.84 -5.44 -22.42
CA ASN B 53 -13.45 -5.14 -22.86
C ASN B 53 -13.10 -3.65 -22.88
N ASP B 54 -13.49 -2.91 -21.86
CA ASP B 54 -13.22 -1.50 -21.85
C ASP B 54 -11.91 -1.17 -21.16
N PRO B 55 -11.02 -0.55 -21.88
CA PRO B 55 -9.76 -0.24 -21.19
C PRO B 55 -9.92 0.74 -20.05
N VAL B 56 -10.87 1.66 -20.14
CA VAL B 56 -11.05 2.67 -19.08
C VAL B 56 -11.45 2.00 -17.77
N LEU B 57 -12.38 1.04 -17.84
CA LEU B 57 -12.78 0.32 -16.63
C LEU B 57 -11.61 -0.49 -16.06
N GLN B 58 -10.75 -1.02 -16.93
CA GLN B 58 -9.58 -1.73 -16.45
C GLN B 58 -8.62 -0.80 -15.72
N ARG B 59 -8.51 0.45 -16.16
CA ARG B 59 -7.69 1.41 -15.45
C ARG B 59 -8.26 1.71 -14.07
N ILE B 60 -9.59 1.78 -13.96
CA ILE B 60 -10.21 2.05 -12.67
C ILE B 60 -10.03 0.85 -11.73
N VAL B 61 -10.09 -0.37 -12.27
CA VAL B 61 -9.87 -1.55 -11.45
C VAL B 61 -8.44 -1.57 -10.92
N ASP B 62 -7.48 -1.22 -11.77
CA ASP B 62 -6.09 -1.17 -11.33
C ASP B 62 -5.87 -0.12 -10.25
N ILE B 63 -6.64 0.97 -10.28
CA ILE B 63 -6.56 1.96 -9.21
C ILE B 63 -7.14 1.41 -7.92
N LEU B 64 -8.23 0.65 -8.01
CA LEU B 64 -8.88 0.12 -6.82
C LEU B 64 -7.94 -0.79 -6.03
N TYR B 65 -7.16 -1.61 -6.72
CA TYR B 65 -6.33 -2.63 -6.08
C TYR B 65 -4.86 -2.23 -6.00
N ALA B 66 -4.51 -1.02 -6.43
CA ALA B 66 -3.14 -0.56 -6.29
C ALA B 66 -2.78 -0.38 -4.83
N THR B 67 -1.56 -0.78 -4.47
CA THR B 67 -1.09 -0.72 -3.10
C THR B 67 -0.26 0.53 -2.86
N ASP B 68 -0.35 1.06 -1.64
CA ASP B 68 0.41 2.23 -1.22
C ASP B 68 1.66 1.73 -0.49
N GLU B 69 2.81 1.88 -1.11
CA GLU B 69 4.03 1.45 -0.45
C GLU B 69 4.43 2.55 0.47
N GLY B 70 3.70 2.60 1.56
CA GLY B 70 3.86 3.59 2.58
C GLY B 70 2.83 3.33 3.66
N PHE B 71 1.67 2.82 3.28
CA PHE B 71 0.63 2.54 4.25
C PHE B 71 1.10 1.61 5.34
N ASP C 8 37.79 5.54 21.48
CA ASP C 8 38.29 5.04 20.20
C ASP C 8 37.62 3.77 19.80
N ALA C 9 37.19 3.01 20.79
CA ALA C 9 36.52 1.78 20.57
C ALA C 9 35.17 2.11 20.00
N LEU C 10 34.54 3.12 20.55
CA LEU C 10 33.20 3.43 20.07
C LEU C 10 33.24 4.03 18.66
N ALA C 11 34.22 4.90 18.40
CA ALA C 11 34.33 5.50 17.08
C ALA C 11 34.69 4.47 16.02
N GLU C 12 35.49 3.46 16.37
CA GLU C 12 35.83 2.42 15.42
C GLU C 12 34.62 1.55 15.08
N GLU C 13 33.70 1.36 16.03
CA GLU C 13 32.49 0.60 15.75
C GLU C 13 31.58 1.36 14.78
N TRP C 14 31.44 2.67 14.96
CA TRP C 14 30.69 3.46 14.00
C TRP C 14 31.35 3.43 12.63
N LYS C 15 32.68 3.41 12.59
CA LYS C 15 33.38 3.31 11.31
C LYS C 15 33.18 1.94 10.68
N ARG C 16 33.08 0.89 11.49
CA ARG C 16 32.79 -0.44 10.96
C ARG C 16 31.43 -0.48 10.30
N ARG C 17 30.41 0.06 10.97
CA ARG C 17 29.09 0.14 10.38
C ARG C 17 29.07 1.08 9.19
N TYR C 18 29.90 2.12 9.20
CA TYR C 18 29.98 3.04 8.07
C TYR C 18 30.53 2.34 6.82
N GLU C 19 31.60 1.56 6.99
CA GLU C 19 32.17 0.84 5.85
C GLU C 19 31.20 -0.23 5.33
N LYS C 20 30.56 -0.96 6.24
CA LYS C 20 29.62 -2.00 5.83
C LYS C 20 28.42 -1.39 5.11
N GLU C 21 28.05 -0.16 5.47
CA GLU C 21 26.91 0.49 4.82
C GLU C 21 27.30 1.08 3.47
N LYS C 22 28.50 1.69 3.38
CA LYS C 22 28.99 2.16 2.09
C LYS C 22 29.20 1.00 1.13
N GLU C 23 29.53 -0.18 1.66
CA GLU C 23 29.72 -1.36 0.84
C GLU C 23 28.45 -1.78 0.13
N LYS C 24 27.27 -1.42 0.66
CA LYS C 24 26.01 -1.81 0.05
C LYS C 24 25.56 -0.87 -1.05
N VAL C 25 26.16 0.33 -1.14
CA VAL C 25 25.67 1.33 -2.08
C VAL C 25 25.99 0.93 -3.52
N GLU C 26 27.21 0.42 -3.76
CA GLU C 26 27.62 0.12 -5.12
C GLU C 26 26.75 -0.97 -5.74
N ASP C 27 26.36 -1.96 -4.94
CA ASP C 27 25.53 -3.05 -5.46
C ASP C 27 24.07 -2.63 -5.60
N LEU C 28 23.58 -1.80 -4.68
CA LEU C 28 22.21 -1.29 -4.80
C LEU C 28 22.08 -0.33 -5.99
N GLU C 29 23.12 0.48 -6.24
CA GLU C 29 23.08 1.35 -7.40
C GLU C 29 23.06 0.55 -8.70
N LYS C 30 23.85 -0.53 -8.77
CA LYS C 30 23.84 -1.38 -9.95
C LYS C 30 22.48 -2.06 -10.14
N GLU C 31 21.89 -2.55 -9.04
CA GLU C 31 20.56 -3.13 -9.12
C GLU C 31 19.53 -2.10 -9.55
N ARG C 32 19.61 -0.88 -8.99
CA ARG C 32 18.66 0.17 -9.33
C ARG C 32 18.75 0.53 -10.81
N ASP C 33 19.97 0.71 -11.32
CA ASP C 33 20.14 1.03 -12.73
C ASP C 33 19.73 -0.13 -13.63
N PHE C 34 19.91 -1.37 -13.15
CA PHE C 34 19.55 -2.54 -13.94
C PHE C 34 18.04 -2.61 -14.14
N TYR C 35 17.27 -2.43 -13.06
CA TYR C 35 15.82 -2.50 -13.15
C TYR C 35 15.23 -1.26 -13.82
N PHE C 36 15.78 -0.08 -13.54
CA PHE C 36 15.26 1.13 -14.16
C PHE C 36 15.55 1.16 -15.66
N GLY C 37 16.69 0.56 -16.07
CA GLY C 37 16.98 0.48 -17.49
C GLY C 37 15.98 -0.37 -18.24
N LYS C 38 15.50 -1.45 -17.61
CA LYS C 38 14.46 -2.27 -18.22
C LYS C 38 13.16 -1.48 -18.39
N LEU C 39 12.80 -0.68 -17.38
CA LEU C 39 11.57 0.10 -17.45
C LEU C 39 11.61 1.11 -18.59
N ARG C 40 12.76 1.77 -18.79
CA ARG C 40 12.89 2.71 -19.89
C ARG C 40 12.85 1.98 -21.23
N ASN C 41 13.33 0.74 -21.28
CA ASN C 41 13.23 -0.04 -22.50
C ASN C 41 11.78 -0.39 -22.82
N ILE C 42 11.03 -0.82 -21.81
CA ILE C 42 9.62 -1.16 -22.02
C ILE C 42 8.82 0.09 -22.38
N GLU C 43 9.16 1.23 -21.78
CA GLU C 43 8.50 2.48 -22.12
C GLU C 43 8.72 2.83 -23.59
N LEU C 44 9.93 2.58 -24.10
CA LEU C 44 10.22 2.92 -25.49
C LEU C 44 9.38 2.10 -26.45
N ILE C 45 9.15 0.82 -26.14
CA ILE C 45 8.35 -0.02 -27.02
C ILE C 45 6.89 0.41 -27.00
N CYS C 46 6.36 0.73 -25.83
CA CYS C 46 4.97 1.18 -25.73
C CYS C 46 4.77 2.50 -26.48
N GLN C 47 5.79 3.35 -26.53
CA GLN C 47 5.70 4.58 -27.31
C GLN C 47 5.72 4.27 -28.80
N GLU C 48 6.55 3.32 -29.23
CA GLU C 48 6.63 2.98 -30.64
C GLU C 48 5.36 2.30 -31.14
N ASN C 49 4.64 1.60 -30.26
CA ASN C 49 3.39 0.95 -30.60
C ASN C 49 2.19 1.70 -30.04
N GLU C 50 2.31 3.01 -29.88
CA GLU C 50 1.23 3.80 -29.28
C GLU C 50 0.04 3.94 -30.22
N GLY C 51 0.29 3.93 -31.54
CA GLY C 51 -0.79 4.10 -32.50
C GLY C 51 -1.75 2.93 -32.55
N GLU C 52 -1.35 1.77 -32.04
CA GLU C 52 -2.22 0.60 -32.06
C GLU C 52 -3.29 0.65 -30.98
N ASN C 53 -3.07 1.41 -29.91
CA ASN C 53 -4.02 1.52 -28.80
C ASN C 53 -4.36 0.15 -28.23
N ASP C 54 -3.33 -0.68 -28.05
CA ASP C 54 -3.52 -2.02 -27.51
C ASP C 54 -3.87 -1.93 -26.04
N PRO C 55 -4.91 -2.62 -25.57
CA PRO C 55 -5.29 -2.51 -24.15
C PRO C 55 -4.27 -3.11 -23.20
N VAL C 56 -3.52 -4.13 -23.63
CA VAL C 56 -2.51 -4.72 -22.77
C VAL C 56 -1.34 -3.76 -22.59
N LEU C 57 -0.93 -3.08 -23.66
CA LEU C 57 0.13 -2.08 -23.54
C LEU C 57 -0.31 -0.90 -22.69
N GLN C 58 -1.62 -0.61 -22.67
CA GLN C 58 -2.11 0.47 -21.82
C GLN C 58 -1.94 0.12 -20.34
N ARG C 59 -2.21 -1.14 -19.97
CA ARG C 59 -1.99 -1.56 -18.59
C ARG C 59 -0.53 -1.47 -18.21
N ILE C 60 0.36 -1.82 -19.14
CA ILE C 60 1.80 -1.76 -18.85
C ILE C 60 2.25 -0.32 -18.67
N VAL C 61 1.72 0.60 -19.50
CA VAL C 61 2.06 2.01 -19.34
C VAL C 61 1.59 2.54 -17.99
N ASP C 62 0.40 2.13 -17.56
CA ASP C 62 -0.09 2.54 -16.25
C ASP C 62 0.81 2.04 -15.13
N ILE C 63 1.41 0.87 -15.29
CA ILE C 63 2.35 0.36 -14.29
C ILE C 63 3.63 1.18 -14.32
N LEU C 64 4.08 1.56 -15.52
CA LEU C 64 5.33 2.32 -15.64
C LEU C 64 5.25 3.65 -14.91
N TYR C 65 4.13 4.36 -15.06
CA TYR C 65 3.99 5.72 -14.55
C TYR C 65 3.26 5.78 -13.21
N ALA C 66 2.90 4.64 -12.62
CA ALA C 66 2.23 4.65 -11.34
C ALA C 66 3.17 5.14 -10.24
N THR C 67 2.62 5.91 -9.32
CA THR C 67 3.41 6.43 -8.20
C THR C 67 3.51 5.38 -7.09
N ASP C 68 4.36 5.67 -6.11
CA ASP C 68 4.50 4.77 -4.97
C ASP C 68 3.25 4.73 -4.10
N GLU C 69 2.33 5.69 -4.27
CA GLU C 69 1.05 5.67 -3.58
C GLU C 69 0.01 4.81 -4.28
N GLY C 70 0.28 4.34 -5.49
CA GLY C 70 -0.72 3.66 -6.28
C GLY C 70 -1.52 4.56 -7.21
N PHE C 71 -1.12 5.82 -7.35
CA PHE C 71 -1.83 6.75 -8.22
C PHE C 71 -1.50 6.46 -9.67
N VAL C 72 -2.53 6.34 -10.50
CA VAL C 72 -2.36 6.06 -11.93
C VAL C 72 -2.56 7.36 -12.70
N ILE C 73 -1.56 7.72 -13.49
CA ILE C 73 -1.62 8.95 -14.28
C ILE C 73 -2.71 8.82 -15.34
N PRO C 74 -3.64 9.78 -15.45
CA PRO C 74 -4.70 9.75 -16.46
C PRO C 74 -4.15 9.74 -17.89
N LYS D 7 36.85 13.64 22.41
CA LYS D 7 36.30 12.53 23.19
C LYS D 7 35.07 11.96 22.49
N ASP D 8 33.89 12.34 22.96
CA ASP D 8 32.64 11.88 22.36
C ASP D 8 32.27 12.63 21.12
N ALA D 9 32.91 13.75 20.86
CA ALA D 9 32.60 14.51 19.68
C ALA D 9 33.20 13.82 18.47
N LEU D 10 34.29 13.08 18.62
CA LEU D 10 34.83 12.35 17.49
C LEU D 10 33.92 11.16 17.14
N ALA D 11 33.41 10.50 18.16
CA ALA D 11 32.56 9.34 17.96
C ALA D 11 31.27 9.74 17.31
N GLU D 12 30.70 10.87 17.70
CA GLU D 12 29.44 11.30 17.11
C GLU D 12 29.52 11.81 15.67
N GLU D 13 30.72 12.05 15.16
CA GLU D 13 30.92 12.45 13.80
C GLU D 13 30.85 11.21 13.04
N TRP D 14 31.55 10.16 13.47
CA TRP D 14 31.45 8.94 12.68
C TRP D 14 30.08 8.30 12.78
N LYS D 15 29.33 8.60 13.85
CA LYS D 15 27.96 8.12 13.94
C LYS D 15 27.08 8.80 12.89
N ARG D 16 27.33 10.08 12.60
CA ARG D 16 26.55 10.79 11.60
C ARG D 16 26.92 10.39 10.18
N ARG D 17 28.18 10.00 9.95
CA ARG D 17 28.56 9.54 8.61
C ARG D 17 27.97 8.17 8.31
N TYR D 18 27.88 7.31 9.33
CA TYR D 18 27.20 6.03 9.14
C TYR D 18 25.71 6.24 8.89
N GLU D 19 25.07 7.14 9.66
CA GLU D 19 23.66 7.42 9.44
C GLU D 19 23.41 8.06 8.08
N LYS D 20 24.39 8.80 7.56
CA LYS D 20 24.23 9.38 6.23
C LYS D 20 24.29 8.31 5.16
N GLU D 21 25.21 7.35 5.30
CA GLU D 21 25.24 6.22 4.36
C GLU D 21 24.01 5.33 4.52
N LYS D 22 23.55 5.16 5.76
CA LYS D 22 22.38 4.32 5.98
C LYS D 22 21.13 4.92 5.35
N GLU D 23 20.99 6.25 5.40
CA GLU D 23 19.89 6.91 4.72
C GLU D 23 20.00 6.74 3.21
N LYS D 24 21.22 6.75 2.68
CA LYS D 24 21.40 6.54 1.25
C LYS D 24 21.12 5.10 0.85
N VAL D 25 21.42 4.14 1.73
CA VAL D 25 21.10 2.75 1.45
C VAL D 25 19.59 2.53 1.49
N GLU D 26 18.91 3.16 2.46
CA GLU D 26 17.46 3.01 2.56
C GLU D 26 16.75 3.61 1.35
N ASP D 27 17.26 4.73 0.83
CA ASP D 27 16.64 5.34 -0.35
C ASP D 27 16.85 4.48 -1.59
N LEU D 28 18.04 3.91 -1.74
CA LEU D 28 18.30 3.07 -2.90
C LEU D 28 17.50 1.77 -2.86
N GLU D 29 17.33 1.20 -1.66
CA GLU D 29 16.57 -0.04 -1.55
C GLU D 29 15.08 0.21 -1.80
N LYS D 30 14.57 1.37 -1.38
CA LYS D 30 13.18 1.70 -1.69
C LYS D 30 12.99 1.96 -3.17
N GLU D 31 13.95 2.64 -3.80
CA GLU D 31 13.86 2.90 -5.24
C GLU D 31 14.01 1.61 -6.03
N ARG D 32 14.87 0.70 -5.58
CA ARG D 32 15.04 -0.58 -6.27
C ARG D 32 13.78 -1.42 -6.19
N ASP D 33 13.21 -1.56 -4.99
CA ASP D 33 11.98 -2.33 -4.84
C ASP D 33 10.82 -1.71 -5.61
N PHE D 34 10.81 -0.38 -5.74
CA PHE D 34 9.78 0.29 -6.52
C PHE D 34 9.84 -0.12 -7.98
N TYR D 35 11.05 -0.14 -8.55
CA TYR D 35 11.20 -0.55 -9.95
C TYR D 35 11.02 -2.05 -10.11
N PHE D 36 11.52 -2.83 -9.15
CA PHE D 36 11.38 -4.28 -9.23
C PHE D 36 9.92 -4.70 -9.14
N GLY D 37 9.12 -4.01 -8.36
CA GLY D 37 7.71 -4.27 -8.29
C GLY D 37 7.01 -4.03 -9.61
N LYS D 38 7.42 -3.00 -10.32
CA LYS D 38 6.86 -2.70 -11.62
C LYS D 38 7.13 -3.82 -12.63
N LEU D 39 8.36 -4.30 -12.62
CA LEU D 39 8.74 -5.36 -13.51
C LEU D 39 7.98 -6.62 -13.16
N ARG D 40 7.79 -6.88 -11.88
CA ARG D 40 7.06 -8.08 -11.49
C ARG D 40 5.64 -7.98 -12.02
N ASN D 41 4.98 -6.86 -11.86
CA ASN D 41 3.66 -6.68 -12.37
C ASN D 41 3.56 -6.77 -13.88
N ILE D 42 4.50 -6.20 -14.60
CA ILE D 42 4.52 -6.28 -16.05
C ILE D 42 4.69 -7.72 -16.51
N GLU D 43 5.52 -8.49 -15.81
CA GLU D 43 5.69 -9.89 -16.16
C GLU D 43 4.41 -10.68 -15.93
N LEU D 44 3.66 -10.33 -14.88
CA LEU D 44 2.38 -11.00 -14.64
C LEU D 44 1.39 -10.71 -15.76
N ILE D 45 1.43 -9.51 -16.34
CA ILE D 45 0.54 -9.20 -17.45
C ILE D 45 0.96 -9.95 -18.70
N CYS D 46 2.28 -10.06 -18.95
CA CYS D 46 2.75 -10.80 -20.10
C CYS D 46 2.46 -12.29 -19.96
N GLN D 47 2.48 -12.82 -18.74
CA GLN D 47 2.15 -14.23 -18.54
C GLN D 47 0.67 -14.49 -18.71
N GLU D 48 -0.19 -13.51 -18.38
CA GLU D 48 -1.62 -13.65 -18.59
C GLU D 48 -1.99 -13.62 -20.07
N ASN D 49 -1.13 -13.08 -20.91
CA ASN D 49 -1.37 -12.99 -22.35
C ASN D 49 -0.38 -13.84 -23.14
N GLU D 50 -0.08 -15.04 -22.63
CA GLU D 50 0.86 -15.92 -23.32
C GLU D 50 0.23 -16.54 -24.56
N GLY D 51 -1.09 -16.72 -24.58
CA GLY D 51 -1.77 -17.31 -25.72
C GLY D 51 -1.74 -16.45 -26.95
N ASN D 53 0.53 -14.69 -28.65
CA ASN D 53 1.54 -14.74 -29.71
C ASN D 53 1.98 -13.33 -30.09
N ASP D 54 1.67 -12.37 -29.22
CA ASP D 54 2.00 -10.97 -29.48
C ASP D 54 3.52 -10.79 -29.55
N PRO D 55 4.06 -10.36 -30.70
CA PRO D 55 5.51 -10.13 -30.76
C PRO D 55 5.95 -8.93 -29.94
N VAL D 56 5.08 -7.95 -29.73
CA VAL D 56 5.42 -6.81 -28.90
C VAL D 56 5.61 -7.24 -27.45
N LEU D 57 4.71 -8.10 -26.95
CA LEU D 57 4.84 -8.61 -25.59
C LEU D 57 6.05 -9.51 -25.45
N GLN D 58 6.38 -10.29 -26.47
CA GLN D 58 7.56 -11.14 -26.41
C GLN D 58 8.84 -10.31 -26.36
N ARG D 59 8.87 -9.19 -27.07
CA ARG D 59 10.02 -8.29 -26.97
C ARG D 59 10.09 -7.66 -25.59
N ILE D 60 8.95 -7.39 -24.96
CA ILE D 60 8.95 -6.95 -23.57
C ILE D 60 9.49 -8.07 -22.67
N VAL D 61 9.14 -9.32 -22.97
CA VAL D 61 9.63 -10.45 -22.18
C VAL D 61 11.13 -10.58 -22.32
N ASP D 62 11.67 -10.38 -23.53
CA ASP D 62 13.11 -10.45 -23.72
C ASP D 62 13.83 -9.40 -22.88
N ILE D 63 13.20 -8.26 -22.63
CA ILE D 63 13.81 -7.22 -21.81
C ILE D 63 13.73 -7.58 -20.33
N LEU D 64 12.60 -8.18 -19.91
CA LEU D 64 12.46 -8.58 -18.52
C LEU D 64 13.51 -9.61 -18.12
N TYR D 65 13.86 -10.50 -19.05
CA TYR D 65 14.76 -11.60 -18.75
C TYR D 65 16.21 -11.34 -19.18
N ALA D 66 16.50 -10.17 -19.73
CA ALA D 66 17.86 -9.84 -20.11
C ALA D 66 18.76 -9.80 -18.88
N THR D 67 19.94 -10.42 -18.98
CA THR D 67 20.84 -10.54 -17.85
C THR D 67 21.76 -9.33 -17.68
N ASP D 68 21.96 -8.53 -18.73
CA ASP D 68 22.86 -7.41 -18.69
C ASP D 68 22.11 -6.10 -18.91
N GLU D 69 22.67 -5.02 -18.38
CA GLU D 69 22.08 -3.70 -18.56
C GLU D 69 22.29 -3.21 -19.98
N GLY D 70 21.30 -2.49 -20.51
CA GLY D 70 21.42 -1.94 -21.85
C GLY D 70 22.37 -0.76 -21.90
N PHE D 71 22.72 -0.39 -23.13
CA PHE D 71 23.69 0.69 -23.35
C PHE D 71 23.44 1.41 -24.66
N VAL D 72 22.56 0.87 -25.49
CA VAL D 72 22.36 1.41 -26.84
C VAL D 72 21.64 2.74 -26.77
N ILE D 73 22.13 3.71 -27.53
CA ILE D 73 21.48 5.02 -27.64
C ILE D 73 20.28 4.90 -28.57
N PRO D 74 19.11 5.41 -28.19
CA PRO D 74 17.92 5.26 -29.05
C PRO D 74 18.10 5.97 -30.39
N ASP D 75 17.35 5.50 -31.37
CA ASP D 75 17.39 6.07 -32.72
C ASP D 75 16.83 7.48 -32.73
N LYS E 7 2.21 18.86 -23.37
CA LYS E 7 3.22 18.77 -22.34
C LYS E 7 2.63 18.48 -20.99
N ASP E 8 3.38 17.75 -20.20
CA ASP E 8 2.98 17.46 -18.89
C ASP E 8 3.88 18.15 -17.86
N ALA E 9 4.69 19.11 -18.28
CA ALA E 9 5.66 19.74 -17.38
C ALA E 9 4.98 20.46 -16.23
N LEU E 10 3.78 21.00 -16.46
CA LEU E 10 3.06 21.68 -15.39
C LEU E 10 2.66 20.71 -14.29
N ALA E 11 2.01 19.61 -14.66
CA ALA E 11 1.62 18.61 -13.66
C ALA E 11 2.83 17.92 -13.05
N GLU E 12 3.91 17.75 -13.82
CA GLU E 12 5.09 17.06 -13.31
C GLU E 12 5.76 17.87 -12.21
N GLU E 13 5.75 19.20 -12.32
CA GLU E 13 6.40 20.02 -11.30
C GLU E 13 5.62 19.99 -10.00
N TRP E 14 4.29 20.08 -10.06
CA TRP E 14 3.50 20.02 -8.84
C TRP E 14 3.50 18.63 -8.24
N LYS E 15 3.63 17.59 -9.07
CA LYS E 15 3.87 16.26 -8.53
C LYS E 15 5.19 16.21 -7.77
N ARG E 16 6.23 16.85 -8.32
CA ARG E 16 7.52 16.89 -7.65
C ARG E 16 7.44 17.67 -6.34
N ARG E 17 6.74 18.80 -6.36
CA ARG E 17 6.57 19.58 -5.13
C ARG E 17 5.81 18.78 -4.08
N TYR E 18 4.82 18.00 -4.50
CA TYR E 18 4.05 17.19 -3.55
C TYR E 18 4.92 16.09 -2.95
N GLU E 19 5.66 15.37 -3.79
CA GLU E 19 6.48 14.28 -3.28
C GLU E 19 7.61 14.80 -2.39
N LYS E 20 8.14 15.98 -2.69
CA LYS E 20 9.15 16.59 -1.82
C LYS E 20 8.56 16.93 -0.46
N GLU E 21 7.34 17.48 -0.44
CA GLU E 21 6.68 17.78 0.83
C GLU E 21 6.25 16.51 1.55
N LYS E 22 5.92 15.46 0.80
CA LYS E 22 5.53 14.20 1.41
C LYS E 22 6.69 13.56 2.15
N GLU E 23 7.89 13.62 1.56
CA GLU E 23 9.07 13.10 2.25
C GLU E 23 9.40 13.93 3.49
N LYS E 24 9.14 15.24 3.45
CA LYS E 24 9.34 16.08 4.63
C LYS E 24 8.40 15.67 5.75
N VAL E 25 7.16 15.33 5.41
CA VAL E 25 6.20 14.86 6.42
C VAL E 25 6.65 13.53 7.01
N GLU E 26 7.13 12.62 6.15
CA GLU E 26 7.56 11.31 6.63
C GLU E 26 8.75 11.42 7.57
N ASP E 27 9.68 12.31 7.28
CA ASP E 27 10.83 12.48 8.16
C ASP E 27 10.41 13.07 9.50
N LEU E 28 9.50 14.05 9.48
CA LEU E 28 9.02 14.64 10.73
C LEU E 28 8.26 13.62 11.57
N GLU E 29 7.45 12.78 10.91
CA GLU E 29 6.69 11.77 11.63
C GLU E 29 7.60 10.70 12.22
N LYS E 30 8.71 10.37 11.53
CA LYS E 30 9.67 9.44 12.09
C LYS E 30 10.38 10.05 13.31
N GLU E 31 10.73 11.33 13.22
CA GLU E 31 11.41 11.98 14.34
C GLU E 31 10.47 12.18 15.52
N ARG E 32 9.20 12.48 15.25
CA ARG E 32 8.22 12.64 16.33
C ARG E 32 7.99 11.32 17.06
N ASP E 33 7.75 10.24 16.30
CA ASP E 33 7.55 8.93 16.91
C ASP E 33 8.80 8.45 17.63
N PHE E 34 9.98 8.87 17.16
CA PHE E 34 11.22 8.53 17.84
C PHE E 34 11.30 9.19 19.21
N TYR E 35 10.96 10.47 19.30
CA TYR E 35 10.97 11.15 20.59
C TYR E 35 9.82 10.70 21.47
N PHE E 36 8.65 10.43 20.87
CA PHE E 36 7.50 9.95 21.64
C PHE E 36 7.79 8.60 22.28
N GLY E 37 8.50 7.73 21.56
CA GLY E 37 8.84 6.43 22.12
C GLY E 37 9.78 6.53 23.30
N LYS E 38 10.71 7.49 23.26
CA LYS E 38 11.61 7.71 24.39
C LYS E 38 10.85 8.15 25.63
N LEU E 39 9.96 9.13 25.47
CA LEU E 39 9.15 9.59 26.61
C LEU E 39 8.27 8.47 27.15
N ARG E 40 7.75 7.63 26.27
CA ARG E 40 6.94 6.49 26.71
C ARG E 40 7.75 5.53 27.56
N ASN E 41 8.98 5.23 27.14
CA ASN E 41 9.82 4.34 27.92
C ASN E 41 10.25 4.96 29.24
N ILE E 42 10.48 6.28 29.26
CA ILE E 42 10.85 6.94 30.51
C ILE E 42 9.68 6.93 31.48
N GLU E 43 8.45 7.09 30.98
CA GLU E 43 7.28 6.99 31.84
C GLU E 43 7.18 5.60 32.47
N LEU E 44 7.49 4.55 31.70
CA LEU E 44 7.40 3.19 32.23
C LEU E 44 8.45 2.94 33.29
N ILE E 45 9.66 3.49 33.11
CA ILE E 45 10.72 3.30 34.10
C ILE E 45 10.36 4.00 35.40
N CYS E 46 9.78 5.19 35.32
CA CYS E 46 9.38 5.91 36.52
C CYS E 46 8.24 5.20 37.24
N GLN E 47 7.34 4.54 36.50
CA GLN E 47 6.25 3.82 37.12
C GLN E 47 6.73 2.58 37.88
N GLU E 48 7.76 1.95 37.38
CA GLU E 48 8.32 0.79 38.03
C GLU E 48 8.85 1.19 39.38
N ASN E 49 9.65 2.23 39.39
CA ASN E 49 10.29 2.74 40.57
C ASN E 49 9.52 3.79 41.31
N GLU E 50 8.20 3.81 41.18
CA GLU E 50 7.37 4.80 41.88
C GLU E 50 7.04 4.44 43.34
N GLY E 51 7.49 3.26 43.78
CA GLY E 51 7.27 2.82 45.13
C GLY E 51 7.81 3.89 46.07
N GLU E 52 9.06 4.27 45.86
CA GLU E 52 9.68 5.32 46.65
C GLU E 52 9.21 6.68 46.22
N ASN E 53 9.50 7.68 47.03
CA ASN E 53 9.09 9.00 46.70
C ASN E 53 10.28 9.86 46.31
N ASP E 54 11.17 9.26 45.52
CA ASP E 54 12.37 9.91 45.02
C ASP E 54 12.03 11.18 44.30
N PRO E 55 12.45 12.28 44.86
CA PRO E 55 12.21 13.60 44.30
C PRO E 55 12.87 13.92 42.94
N VAL E 56 13.87 13.17 42.51
CA VAL E 56 14.50 13.42 41.23
C VAL E 56 13.60 12.81 40.19
N LEU E 57 13.12 11.62 40.47
CA LEU E 57 12.16 11.00 39.57
C LEU E 57 10.86 11.80 39.51
N GLN E 58 10.47 12.44 40.61
CA GLN E 58 9.26 13.26 40.60
C GLN E 58 9.40 14.46 39.69
N ARG E 59 10.60 15.06 39.63
CA ARG E 59 10.83 16.16 38.70
C ARG E 59 10.75 15.68 37.26
N ILE E 60 11.23 14.47 36.99
CA ILE E 60 11.11 13.91 35.66
C ILE E 60 9.66 13.60 35.33
N VAL E 61 8.91 13.09 36.30
CA VAL E 61 7.49 12.79 36.09
C VAL E 61 6.71 14.07 35.81
N ASP E 62 7.03 15.15 36.53
CA ASP E 62 6.34 16.42 36.28
C ASP E 62 6.59 16.93 34.87
N ILE E 63 7.75 16.63 34.29
CA ILE E 63 8.02 17.00 32.91
C ILE E 63 7.26 16.09 31.95
N LEU E 64 7.16 14.80 32.28
CA LEU E 64 6.54 13.84 31.37
C LEU E 64 5.07 14.16 31.14
N TYR E 65 4.35 14.53 32.20
CA TYR E 65 2.90 14.70 32.14
C TYR E 65 2.47 16.15 32.04
N ALA E 66 3.40 17.06 31.77
CA ALA E 66 3.03 18.46 31.59
C ALA E 66 2.34 18.67 30.25
N THR E 67 1.38 19.61 30.22
CA THR E 67 0.64 19.91 29.01
C THR E 67 1.21 21.10 28.24
N ASP E 68 2.21 21.78 28.78
CA ASP E 68 2.77 22.97 28.12
C ASP E 68 4.29 22.91 28.04
N LEU F 1 -14.49 31.27 -6.17
CA LEU F 1 -15.20 31.67 -7.38
C LEU F 1 -14.51 31.14 -8.63
N SER F 2 -15.32 30.65 -9.58
CA SER F 2 -14.80 30.19 -10.86
C SER F 2 -15.95 30.11 -11.85
N ASN F 3 -15.67 30.44 -13.11
CA ASN F 3 -16.68 30.40 -14.17
C ASN F 3 -16.17 29.64 -15.40
N GLU F 4 -15.23 28.72 -15.20
CA GLU F 4 -14.63 27.96 -16.29
C GLU F 4 -13.91 26.75 -15.69
N ASP F 5 -13.54 25.81 -16.56
CA ASP F 5 -12.84 24.62 -16.09
C ASP F 5 -11.38 24.93 -15.82
N PRO F 6 -10.74 24.26 -14.85
CA PRO F 6 -9.31 24.49 -14.62
C PRO F 6 -8.49 24.08 -15.85
N LYS F 7 -7.34 24.74 -16.00
CA LYS F 7 -6.49 24.47 -17.15
C LYS F 7 -5.95 23.05 -17.13
N ASP F 8 -5.55 22.56 -15.96
CA ASP F 8 -4.90 21.25 -15.85
C ASP F 8 -5.46 20.56 -14.61
N ALA F 9 -6.42 19.66 -14.81
CA ALA F 9 -7.04 18.97 -13.68
C ALA F 9 -6.03 18.13 -12.93
N LEU F 10 -5.08 17.53 -13.64
CA LEU F 10 -4.05 16.72 -12.99
C LEU F 10 -3.12 17.57 -12.14
N ALA F 11 -2.71 18.73 -12.67
CA ALA F 11 -1.84 19.63 -11.90
C ALA F 11 -2.56 20.15 -10.66
N GLU F 12 -3.86 20.39 -10.76
CA GLU F 12 -4.62 20.82 -9.60
C GLU F 12 -4.71 19.74 -8.54
N GLU F 13 -4.76 18.46 -8.96
CA GLU F 13 -4.80 17.37 -7.99
C GLU F 13 -3.47 17.22 -7.26
N TRP F 14 -2.35 17.33 -7.99
CA TRP F 14 -1.05 17.32 -7.33
C TRP F 14 -0.90 18.53 -6.41
N LYS F 15 -1.43 19.68 -6.82
CA LYS F 15 -1.37 20.87 -5.97
C LYS F 15 -2.22 20.69 -4.72
N ARG F 16 -3.37 20.02 -4.86
CA ARG F 16 -4.20 19.74 -3.69
C ARG F 16 -3.47 18.84 -2.69
N ARG F 17 -2.86 17.77 -3.19
CA ARG F 17 -2.12 16.88 -2.30
C ARG F 17 -0.89 17.56 -1.73
N TYR F 18 -0.27 18.47 -2.49
CA TYR F 18 0.90 19.20 -1.99
C TYR F 18 0.53 20.08 -0.81
N GLU F 19 -0.55 20.85 -0.94
CA GLU F 19 -0.98 21.72 0.16
C GLU F 19 -1.51 20.92 1.33
N LYS F 20 -2.05 19.73 1.08
CA LYS F 20 -2.47 18.85 2.17
C LYS F 20 -1.27 18.42 3.01
N GLU F 21 -0.15 18.12 2.36
CA GLU F 21 1.05 17.72 3.09
C GLU F 21 1.69 18.91 3.80
N LYS F 22 1.59 20.11 3.21
CA LYS F 22 2.17 21.29 3.84
C LYS F 22 1.51 21.58 5.19
N GLU F 23 0.22 21.25 5.33
CA GLU F 23 -0.46 21.45 6.60
C GLU F 23 0.04 20.47 7.67
N LYS F 24 0.37 19.24 7.26
CA LYS F 24 0.87 18.26 8.22
C LYS F 24 2.22 18.67 8.79
N VAL F 25 3.03 19.40 8.02
CA VAL F 25 4.34 19.83 8.50
C VAL F 25 4.20 20.74 9.71
N GLU F 26 3.23 21.65 9.69
CA GLU F 26 3.04 22.57 10.79
C GLU F 26 2.72 21.83 12.09
N ASP F 27 1.83 20.85 12.03
CA ASP F 27 1.42 20.13 13.23
C ASP F 27 2.50 19.16 13.69
N LEU F 28 3.20 18.52 12.76
CA LEU F 28 4.24 17.58 13.14
C LEU F 28 5.44 18.30 13.76
N GLU F 29 5.79 19.49 13.23
CA GLU F 29 6.85 20.27 13.83
C GLU F 29 6.50 20.70 15.25
N LYS F 30 5.22 20.98 15.51
CA LYS F 30 4.81 21.36 16.85
C LYS F 30 5.01 20.21 17.84
N GLU F 31 4.54 19.01 17.48
CA GLU F 31 4.68 17.86 18.36
C GLU F 31 6.14 17.45 18.51
N ARG F 32 6.90 17.48 17.41
CA ARG F 32 8.31 17.11 17.46
C ARG F 32 9.07 18.05 18.38
N ASP F 33 8.83 19.36 18.26
CA ASP F 33 9.50 20.32 19.15
C ASP F 33 9.03 20.15 20.59
N PHE F 34 7.76 19.80 20.79
CA PHE F 34 7.24 19.62 22.15
C PHE F 34 7.89 18.43 22.84
N TYR F 35 8.03 17.31 22.13
CA TYR F 35 8.64 16.12 22.73
C TYR F 35 10.13 16.32 22.95
N PHE F 36 10.80 17.02 22.03
CA PHE F 36 12.23 17.26 22.19
C PHE F 36 12.50 18.15 23.40
N GLY F 37 11.64 19.13 23.64
CA GLY F 37 11.81 19.98 24.81
C GLY F 37 11.75 19.20 26.10
N LYS F 38 10.88 18.19 26.17
CA LYS F 38 10.80 17.35 27.36
C LYS F 38 12.04 16.49 27.50
N LEU F 39 12.52 15.91 26.40
CA LEU F 39 13.72 15.07 26.45
C LEU F 39 14.94 15.88 26.87
N ARG F 40 15.03 17.14 26.41
CA ARG F 40 16.16 17.98 26.78
C ARG F 40 16.12 18.32 28.27
N ASN F 41 14.93 18.62 28.81
CA ASN F 41 14.82 18.94 30.22
C ASN F 41 15.09 17.72 31.10
N ILE F 42 14.71 16.53 30.64
CA ILE F 42 15.01 15.32 31.38
C ILE F 42 16.52 15.03 31.34
N GLU F 43 17.15 15.31 30.20
CA GLU F 43 18.60 15.13 30.10
C GLU F 43 19.34 16.02 31.09
N LEU F 44 18.88 17.26 31.25
CA LEU F 44 19.54 18.17 32.17
C LEU F 44 19.42 17.70 33.61
N ILE F 45 18.26 17.14 33.98
CA ILE F 45 18.08 16.61 35.33
C ILE F 45 19.02 15.44 35.58
N CYS F 46 19.16 14.60 34.57
CA CYS F 46 20.01 13.46 34.66
C CYS F 46 21.46 13.89 34.78
N GLN F 47 21.85 14.87 34.00
CA GLN F 47 23.19 15.38 34.04
C GLN F 47 23.47 16.04 35.39
N GLU F 48 22.50 16.72 35.96
CA GLU F 48 22.66 17.35 37.24
C GLU F 48 22.96 16.36 38.33
N ASN F 49 22.25 15.24 38.30
CA ASN F 49 22.39 14.20 39.28
C ASN F 49 23.35 13.10 38.86
N GLU F 50 24.34 13.44 38.06
CA GLU F 50 25.32 12.50 37.52
C GLU F 50 26.23 11.79 38.55
N GLY F 51 26.58 12.48 39.63
CA GLY F 51 27.47 11.89 40.60
C GLY F 51 26.96 10.90 41.62
N GLU F 52 25.75 10.40 41.42
CA GLU F 52 25.19 9.49 42.38
C GLU F 52 24.96 8.07 41.87
N ASN F 53 25.40 7.81 40.65
CA ASN F 53 25.29 6.48 40.07
C ASN F 53 23.96 5.76 40.28
N ASP F 54 22.89 6.51 40.19
CA ASP F 54 21.54 6.00 40.38
C ASP F 54 21.20 5.01 39.27
N PRO F 55 20.85 3.77 39.58
CA PRO F 55 20.54 2.80 38.51
C PRO F 55 19.33 3.18 37.67
N VAL F 56 18.34 3.86 38.26
CA VAL F 56 17.16 4.25 37.50
C VAL F 56 17.51 5.38 36.53
N LEU F 57 18.31 6.35 36.98
CA LEU F 57 18.73 7.42 36.09
C LEU F 57 19.64 6.91 34.98
N GLN F 58 20.38 5.82 35.23
CA GLN F 58 21.19 5.22 34.20
C GLN F 58 20.32 4.65 33.07
N ARG F 59 19.20 4.04 33.43
CA ARG F 59 18.29 3.52 32.42
C ARG F 59 17.66 4.65 31.61
N ILE F 60 17.34 5.76 32.27
CA ILE F 60 16.75 6.89 31.56
C ILE F 60 17.76 7.51 30.60
N VAL F 61 19.02 7.61 31.02
CA VAL F 61 20.07 8.13 30.14
C VAL F 61 20.25 7.22 28.94
N ASP F 62 20.19 5.90 29.16
CA ASP F 62 20.31 4.97 28.05
C ASP F 62 19.16 5.12 27.05
N ILE F 63 17.98 5.50 27.53
CA ILE F 63 16.85 5.73 26.63
C ILE F 63 17.05 7.04 25.86
N LEU F 64 17.56 8.07 26.53
CA LEU F 64 17.72 9.37 25.89
C LEU F 64 18.69 9.31 24.72
N TYR F 65 19.82 8.63 24.89
CA TYR F 65 20.87 8.60 23.90
C TYR F 65 20.79 7.39 22.98
N ALA F 66 19.77 6.54 23.12
CA ALA F 66 19.64 5.39 22.26
C ALA F 66 19.34 5.81 20.83
N THR F 67 19.99 5.15 19.88
CA THR F 67 19.77 5.43 18.47
C THR F 67 18.49 4.75 17.99
N ASP F 68 18.11 5.04 16.75
CA ASP F 68 16.90 4.45 16.19
C ASP F 68 17.05 2.96 15.94
N GLU F 69 18.27 2.46 15.75
CA GLU F 69 18.49 1.03 15.58
C GLU F 69 18.57 0.27 16.89
N GLY F 70 18.45 0.96 18.02
CA GLY F 70 18.54 0.33 19.32
C GLY F 70 19.91 0.33 19.96
N PHE F 71 20.85 1.09 19.41
CA PHE F 71 22.21 1.12 19.95
C PHE F 71 22.26 2.03 21.17
N VAL F 72 22.79 1.50 22.27
CA VAL F 72 22.93 2.23 23.52
C VAL F 72 24.37 2.72 23.64
N ILE F 73 24.54 4.02 23.77
CA ILE F 73 25.89 4.60 23.89
C ILE F 73 26.51 4.15 25.21
N PRO F 74 27.72 3.59 25.21
CA PRO F 74 28.30 3.13 26.47
C PRO F 74 28.63 4.26 27.44
N ASP F 75 29.00 5.44 26.93
CA ASP F 75 29.31 6.57 27.80
C ASP F 75 29.13 7.89 27.04
N ALA G 9 -32.88 -22.12 -43.83
CA ALA G 9 -33.27 -20.75 -43.52
C ALA G 9 -32.73 -20.33 -42.15
N LEU G 10 -33.60 -19.69 -41.35
CA LEU G 10 -33.18 -19.28 -40.01
C LEU G 10 -33.12 -20.46 -39.05
N ALA G 11 -33.94 -21.49 -39.27
CA ALA G 11 -33.89 -22.67 -38.40
C ALA G 11 -32.53 -23.34 -38.46
N GLU G 12 -31.91 -23.34 -39.64
CA GLU G 12 -30.55 -23.88 -39.76
C GLU G 12 -29.56 -23.05 -38.95
N GLU G 13 -29.69 -21.73 -39.00
CA GLU G 13 -28.74 -20.86 -38.30
C GLU G 13 -28.95 -20.90 -36.79
N TRP G 14 -30.20 -20.89 -36.34
CA TRP G 14 -30.47 -20.89 -34.91
C TRP G 14 -30.05 -22.20 -34.26
N LYS G 15 -30.25 -23.33 -34.95
CA LYS G 15 -29.80 -24.61 -34.40
C LYS G 15 -28.29 -24.67 -34.34
N ARG G 16 -27.60 -24.16 -35.37
CA ARG G 16 -26.14 -24.17 -35.38
C ARG G 16 -25.59 -23.33 -34.23
N ARG G 17 -26.20 -22.17 -33.97
CA ARG G 17 -25.74 -21.33 -32.87
C ARG G 17 -26.10 -21.94 -31.52
N TYR G 18 -27.18 -22.72 -31.45
CA TYR G 18 -27.51 -23.42 -30.21
C TYR G 18 -26.50 -24.53 -29.91
N GLU G 19 -26.14 -25.32 -30.94
CA GLU G 19 -25.17 -26.38 -30.74
C GLU G 19 -23.81 -25.81 -30.34
N LYS G 20 -23.43 -24.66 -30.91
CA LYS G 20 -22.16 -24.05 -30.57
C LYS G 20 -22.21 -23.45 -29.16
N GLU G 21 -23.34 -22.84 -28.79
CA GLU G 21 -23.47 -22.29 -27.44
C GLU G 21 -23.56 -23.39 -26.40
N LYS G 22 -24.25 -24.49 -26.73
CA LYS G 22 -24.31 -25.63 -25.83
C LYS G 22 -22.93 -26.24 -25.62
N GLU G 23 -22.09 -26.23 -26.66
CA GLU G 23 -20.73 -26.75 -26.53
C GLU G 23 -19.88 -25.87 -25.63
N LYS G 24 -20.05 -24.54 -25.73
CA LYS G 24 -19.33 -23.64 -24.84
C LYS G 24 -19.75 -23.84 -23.40
N VAL G 25 -21.04 -24.07 -23.17
CA VAL G 25 -21.52 -24.32 -21.81
C VAL G 25 -20.90 -25.59 -21.24
N GLU G 26 -20.81 -26.64 -22.06
CA GLU G 26 -20.28 -27.91 -21.58
C GLU G 26 -18.79 -27.81 -21.27
N ASP G 27 -18.03 -27.11 -22.11
CA ASP G 27 -16.60 -26.97 -21.88
C ASP G 27 -16.28 -26.00 -20.76
N LEU G 28 -17.14 -25.00 -20.53
CA LEU G 28 -16.96 -24.13 -19.38
C LEU G 28 -17.18 -24.87 -18.07
N GLU G 29 -18.14 -25.81 -18.06
CA GLU G 29 -18.34 -26.65 -16.89
C GLU G 29 -17.15 -27.57 -16.64
N LYS G 30 -16.49 -28.01 -17.70
CA LYS G 30 -15.30 -28.84 -17.54
C LYS G 30 -14.16 -28.06 -16.92
N GLU G 31 -14.00 -26.79 -17.31
CA GLU G 31 -12.99 -25.94 -16.68
C GLU G 31 -13.39 -25.62 -15.24
N ARG G 32 -14.66 -25.30 -15.01
CA ARG G 32 -15.11 -24.90 -13.68
C ARG G 32 -14.94 -26.05 -12.69
N ASP G 33 -15.34 -27.25 -13.07
CA ASP G 33 -15.20 -28.40 -12.17
C ASP G 33 -13.74 -28.80 -12.00
N PHE G 34 -12.90 -28.55 -13.02
CA PHE G 34 -11.48 -28.87 -12.90
C PHE G 34 -10.80 -27.95 -11.90
N TYR G 35 -11.09 -26.65 -11.97
CA TYR G 35 -10.52 -25.72 -11.00
C TYR G 35 -11.12 -25.92 -9.61
N PHE G 36 -12.44 -26.13 -9.55
CA PHE G 36 -13.08 -26.34 -8.26
C PHE G 36 -12.64 -27.65 -7.61
N GLY G 37 -12.32 -28.66 -8.42
CA GLY G 37 -11.82 -29.91 -7.87
C GLY G 37 -10.48 -29.74 -7.19
N LYS G 38 -9.60 -28.90 -7.76
CA LYS G 38 -8.32 -28.62 -7.11
C LYS G 38 -8.53 -27.86 -5.80
N LEU G 39 -9.42 -26.87 -5.80
CA LEU G 39 -9.67 -26.09 -4.58
C LEU G 39 -10.20 -26.97 -3.46
N ARG G 40 -11.11 -27.90 -3.78
CA ARG G 40 -11.58 -28.85 -2.77
C ARG G 40 -10.45 -29.76 -2.31
N ASN G 41 -9.57 -30.15 -3.24
CA ASN G 41 -8.43 -30.99 -2.87
C ASN G 41 -7.47 -30.24 -1.96
N ILE G 42 -7.26 -28.95 -2.22
CA ILE G 42 -6.38 -28.15 -1.36
C ILE G 42 -7.02 -27.95 0.00
N GLU G 43 -8.34 -27.78 0.04
CA GLU G 43 -9.03 -27.58 1.31
C GLU G 43 -8.89 -28.82 2.20
N LEU G 44 -8.96 -30.01 1.61
CA LEU G 44 -8.77 -31.24 2.39
C LEU G 44 -7.35 -31.35 2.93
N ILE G 45 -6.36 -30.84 2.19
CA ILE G 45 -4.99 -30.84 2.69
C ILE G 45 -4.86 -29.90 3.89
N CYS G 46 -5.54 -28.75 3.84
CA CYS G 46 -5.47 -27.81 4.95
C CYS G 46 -6.22 -28.33 6.16
N GLN G 47 -7.33 -29.04 5.95
CA GLN G 47 -8.09 -29.61 7.06
C GLN G 47 -7.30 -30.72 7.77
N GLU G 48 -6.39 -31.37 7.05
CA GLU G 48 -5.53 -32.37 7.68
C GLU G 48 -4.60 -31.74 8.70
N ASN G 49 -4.20 -30.50 8.48
CA ASN G 49 -3.31 -29.79 9.40
C ASN G 49 -4.08 -28.73 10.19
N ASP G 54 -1.49 -22.62 11.53
CA ASP G 54 -0.45 -22.26 10.57
C ASP G 54 -0.79 -20.91 9.92
N PRO G 55 0.08 -19.91 10.14
CA PRO G 55 -0.20 -18.59 9.54
C PRO G 55 -0.16 -18.60 8.03
N VAL G 56 0.75 -19.37 7.42
CA VAL G 56 0.81 -19.44 5.97
C VAL G 56 -0.41 -20.17 5.41
N LEU G 57 -0.77 -21.30 6.03
CA LEU G 57 -1.98 -22.00 5.61
C LEU G 57 -3.24 -21.17 5.87
N GLN G 58 -3.19 -20.27 6.86
CA GLN G 58 -4.33 -19.40 7.12
C GLN G 58 -4.62 -18.49 5.93
N ARG G 59 -3.57 -17.97 5.29
CA ARG G 59 -3.78 -17.15 4.10
C ARG G 59 -4.29 -17.97 2.93
N ILE G 60 -3.91 -19.26 2.88
CA ILE G 60 -4.47 -20.15 1.87
C ILE G 60 -5.94 -20.43 2.17
N VAL G 61 -6.25 -20.67 3.45
CA VAL G 61 -7.63 -20.97 3.84
C VAL G 61 -8.53 -19.78 3.59
N ASP G 62 -8.06 -18.57 3.89
CA ASP G 62 -8.87 -17.37 3.66
C ASP G 62 -9.20 -17.19 2.18
N ILE G 63 -8.28 -17.58 1.30
CA ILE G 63 -8.56 -17.51 -0.14
C ILE G 63 -9.60 -18.55 -0.53
N LEU G 64 -9.56 -19.72 0.12
CA LEU G 64 -10.50 -20.79 -0.23
C LEU G 64 -11.94 -20.39 0.09
N TYR G 65 -12.18 -19.90 1.31
CA TYR G 65 -13.53 -19.57 1.75
C TYR G 65 -13.95 -18.16 1.39
N ALA G 66 -13.20 -17.48 0.52
CA ALA G 66 -13.59 -16.14 0.08
C ALA G 66 -14.79 -16.22 -0.83
N THR G 67 -15.87 -15.57 -0.43
CA THR G 67 -17.09 -15.56 -1.20
C THR G 67 -16.93 -14.67 -2.38
N ASP G 68 -16.41 -13.48 -2.13
CA ASP G 68 -16.16 -12.55 -3.22
C ASP G 68 -14.69 -12.47 -3.51
N GLU G 69 -14.34 -11.99 -4.69
CA GLU G 69 -12.93 -11.92 -5.04
C GLU G 69 -12.28 -10.57 -4.96
N GLY G 70 -13.08 -9.55 -4.69
CA GLY G 70 -12.53 -8.23 -4.57
C GLY G 70 -12.03 -7.76 -3.23
N PHE G 71 -12.49 -6.60 -2.79
CA PHE G 71 -12.11 -6.09 -1.52
C PHE G 71 -12.53 -7.03 -0.38
N LYS H 7 -40.50 -23.97 -40.71
CA LYS H 7 -41.53 -23.11 -40.15
C LYS H 7 -41.01 -22.19 -39.09
N ASP H 8 -41.88 -21.27 -38.71
CA ASP H 8 -41.60 -20.24 -37.71
C ASP H 8 -41.43 -20.79 -36.34
N ALA H 9 -42.32 -21.66 -35.89
CA ALA H 9 -42.12 -22.18 -34.55
C ALA H 9 -40.78 -22.91 -34.44
N LEU H 10 -40.40 -23.61 -35.50
CA LEU H 10 -39.17 -24.34 -35.52
C LEU H 10 -37.98 -23.44 -35.31
N ALA H 11 -37.85 -22.41 -36.12
CA ALA H 11 -36.74 -21.50 -35.96
C ALA H 11 -36.72 -20.81 -34.63
N GLU H 12 -37.86 -20.38 -34.13
CA GLU H 12 -37.91 -19.70 -32.84
C GLU H 12 -37.71 -20.67 -31.67
N GLU H 13 -37.95 -21.97 -31.87
CA GLU H 13 -37.68 -22.93 -30.82
C GLU H 13 -36.18 -23.15 -30.65
N TRP H 14 -35.45 -23.29 -31.75
CA TRP H 14 -34.00 -23.35 -31.67
C TRP H 14 -33.42 -22.04 -31.16
N LYS H 15 -34.03 -20.91 -31.52
CA LYS H 15 -33.59 -19.63 -30.99
C LYS H 15 -33.82 -19.55 -29.49
N ARG H 16 -34.96 -20.04 -29.02
CA ARG H 16 -35.24 -20.03 -27.58
C ARG H 16 -34.23 -20.88 -26.82
N ARG H 17 -33.92 -22.07 -27.34
CA ARG H 17 -32.91 -22.90 -26.70
C ARG H 17 -31.54 -22.27 -26.76
N TYR H 18 -31.27 -21.49 -27.82
CA TYR H 18 -29.99 -20.79 -27.92
C TYR H 18 -29.89 -19.69 -26.88
N GLU H 19 -30.97 -18.93 -26.67
CA GLU H 19 -30.96 -17.88 -25.66
C GLU H 19 -30.74 -18.45 -24.27
N LYS H 20 -31.29 -19.64 -24.00
CA LYS H 20 -31.11 -20.27 -22.70
C LYS H 20 -29.66 -20.69 -22.49
N GLU H 21 -29.01 -21.20 -23.54
CA GLU H 21 -27.60 -21.58 -23.43
C GLU H 21 -26.71 -20.34 -23.26
N LYS H 22 -27.01 -19.27 -24.02
CA LYS H 22 -26.26 -18.04 -23.85
C LYS H 22 -26.43 -17.45 -22.46
N GLU H 23 -27.61 -17.62 -21.87
CA GLU H 23 -27.85 -17.13 -20.51
C GLU H 23 -26.88 -17.75 -19.52
N LYS H 24 -26.49 -19.01 -19.73
CA LYS H 24 -25.61 -19.71 -18.81
C LYS H 24 -24.15 -19.33 -18.95
N VAL H 25 -23.76 -18.66 -20.03
CA VAL H 25 -22.35 -18.39 -20.28
C VAL H 25 -21.81 -17.35 -19.30
N GLU H 26 -22.58 -16.29 -19.05
CA GLU H 26 -22.13 -15.25 -18.13
C GLU H 26 -21.89 -15.82 -16.73
N ASP H 27 -22.73 -16.76 -16.31
CA ASP H 27 -22.55 -17.34 -14.98
C ASP H 27 -21.36 -18.29 -14.93
N LEU H 28 -21.15 -19.04 -16.01
CA LEU H 28 -20.06 -20.02 -16.02
C LEU H 28 -18.70 -19.33 -16.15
N GLU H 29 -18.63 -18.27 -16.97
CA GLU H 29 -17.35 -17.58 -17.15
C GLU H 29 -16.91 -16.88 -15.87
N LYS H 30 -17.85 -16.22 -15.18
CA LYS H 30 -17.50 -15.56 -13.92
C LYS H 30 -17.11 -16.57 -12.85
N GLU H 31 -17.79 -17.71 -12.81
CA GLU H 31 -17.44 -18.74 -11.85
C GLU H 31 -16.12 -19.42 -12.21
N ARG H 32 -15.81 -19.54 -13.51
CA ARG H 32 -14.54 -20.12 -13.93
C ARG H 32 -13.38 -19.22 -13.55
N ASP H 33 -13.49 -17.92 -13.86
CA ASP H 33 -12.44 -16.98 -13.49
C ASP H 33 -12.32 -16.83 -11.98
N PHE H 34 -13.42 -17.02 -11.26
CA PHE H 34 -13.39 -16.90 -9.80
C PHE H 34 -12.55 -18.01 -9.17
N TYR H 35 -12.71 -19.25 -9.64
CA TYR H 35 -11.94 -20.36 -9.10
C TYR H 35 -10.50 -20.35 -9.61
N PHE H 36 -10.28 -19.92 -10.86
CA PHE H 36 -8.92 -19.85 -11.39
C PHE H 36 -8.11 -18.78 -10.66
N GLY H 37 -8.76 -17.68 -10.28
CA GLY H 37 -8.06 -16.64 -9.54
C GLY H 37 -7.59 -17.12 -8.18
N LYS H 38 -8.35 -18.02 -7.55
CA LYS H 38 -7.92 -18.57 -6.27
C LYS H 38 -6.71 -19.48 -6.43
N LEU H 39 -6.72 -20.34 -7.46
CA LEU H 39 -5.59 -21.22 -7.69
C LEU H 39 -4.32 -20.43 -7.99
N ARG H 40 -4.46 -19.31 -8.70
CA ARG H 40 -3.30 -18.46 -9.00
C ARG H 40 -2.78 -17.80 -7.73
N ASN H 41 -3.69 -17.25 -6.90
CA ASN H 41 -3.26 -16.59 -5.68
C ASN H 41 -2.68 -17.59 -4.68
N ILE H 42 -3.21 -18.81 -4.63
CA ILE H 42 -2.62 -19.84 -3.78
C ILE H 42 -1.23 -20.21 -4.27
N GLU H 43 -1.06 -20.29 -5.60
CA GLU H 43 0.25 -20.59 -6.16
C GLU H 43 1.28 -19.53 -5.80
N LEU H 44 0.88 -18.25 -5.86
CA LEU H 44 1.81 -17.17 -5.54
C LEU H 44 2.22 -17.18 -4.08
N ILE H 45 1.31 -17.59 -3.19
CA ILE H 45 1.66 -17.70 -1.77
C ILE H 45 2.63 -18.85 -1.55
N CYS H 46 2.49 -19.94 -2.31
CA CYS H 46 3.41 -21.06 -2.17
C CYS H 46 4.81 -20.70 -2.67
N GLN H 47 4.91 -19.81 -3.65
CA GLN H 47 6.21 -19.44 -4.19
C GLN H 47 6.96 -18.49 -3.25
N GLU H 48 6.25 -17.56 -2.62
CA GLU H 48 6.91 -16.63 -1.70
C GLU H 48 7.31 -17.30 -0.39
N ASN H 49 6.69 -18.43 -0.05
CA ASN H 49 7.06 -19.21 1.14
C ASN H 49 7.77 -20.50 0.76
N GLU H 50 8.53 -20.48 -0.34
CA GLU H 50 9.21 -21.66 -0.83
C GLU H 50 10.42 -22.00 0.03
N PRO H 55 6.28 -28.50 4.16
CA PRO H 55 5.88 -29.76 3.51
C PRO H 55 4.47 -29.71 2.96
N VAL H 56 3.56 -29.07 3.71
CA VAL H 56 2.18 -28.94 3.27
C VAL H 56 2.10 -28.06 2.04
N LEU H 57 2.89 -26.99 1.98
CA LEU H 57 2.92 -26.15 0.79
C LEU H 57 3.41 -26.92 -0.42
N GLN H 58 4.34 -27.87 -0.23
CA GLN H 58 4.79 -28.69 -1.33
C GLN H 58 3.67 -29.59 -1.85
N ARG H 59 2.82 -30.09 -0.96
CA ARG H 59 1.68 -30.88 -1.39
C ARG H 59 0.69 -30.04 -2.19
N ILE H 60 0.53 -28.77 -1.81
CA ILE H 60 -0.38 -27.89 -2.53
C ILE H 60 0.15 -27.60 -3.93
N VAL H 61 1.47 -27.41 -4.06
CA VAL H 61 2.06 -27.14 -5.36
C VAL H 61 1.85 -28.33 -6.31
N ASP H 62 2.04 -29.55 -5.80
CA ASP H 62 1.87 -30.73 -6.64
C ASP H 62 0.42 -30.89 -7.08
N ILE H 63 -0.53 -30.44 -6.26
CA ILE H 63 -1.93 -30.47 -6.67
C ILE H 63 -2.20 -29.45 -7.76
N LEU H 64 -1.58 -28.27 -7.65
CA LEU H 64 -1.78 -27.22 -8.66
C LEU H 64 -1.24 -27.64 -10.01
N TYR H 65 -0.13 -28.38 -10.02
CA TYR H 65 0.53 -28.77 -11.27
C TYR H 65 0.19 -30.19 -11.69
N ALA H 66 -0.66 -30.89 -10.95
CA ALA H 66 -1.10 -32.22 -11.35
C ALA H 66 -1.97 -32.13 -12.59
N THR H 67 -1.74 -33.03 -13.54
CA THR H 67 -2.45 -33.01 -14.82
C THR H 67 -3.60 -34.00 -14.82
N ASP H 68 -4.64 -33.67 -15.58
CA ASP H 68 -5.78 -34.55 -15.77
C ASP H 68 -5.65 -35.24 -17.13
N GLU H 69 -5.94 -36.54 -17.15
CA GLU H 69 -5.80 -37.33 -18.37
C GLU H 69 -6.91 -36.97 -19.36
#